data_3BXE
#
_entry.id   3BXE
#
_cell.length_a   55.537
_cell.length_b   83.822
_cell.length_c   113.712
_cell.angle_alpha   90.00
_cell.angle_beta   90.00
_cell.angle_gamma   90.00
#
_symmetry.space_group_name_H-M   'P 21 21 21'
#
loop_
_entity.id
_entity.type
_entity.pdbx_description
1 polymer 'Central glycolytic gene regulator'
2 non-polymer 1,3-DIHYDROXYACETONEPHOSPHATE
3 water water
#
_entity_poly.entity_id   1
_entity_poly.type   'polypeptide(L)'
_entity_poly.pdbx_seq_one_letter_code
;SNAKDVLGLTLLEKTLKERLNLKDAIIVSGDSDQSPWVKKEMGRAAVACMKKRFSGKNIVAVTGGTTIEAVAEMMTPDSK
NRELLFVPARGGLGEDVKNQANTICAHMAEKASGTYRLLFVPGQLSQGAYSSIIEEPSVKEVLNTIKSASMLVHGIGEAK
TMAQRRNTPLEDLKKIDDNDAVTEAFGYYFNADGEVVHKVHSVGMQLDDIDAIPDIIAVAGGSSKAEAIEAYFKKPRNTV
LVTDEGAAKKLLRDE
;
_entity_poly.pdbx_strand_id   A,B
#
loop_
_chem_comp.id
_chem_comp.type
_chem_comp.name
_chem_comp.formula
13P non-polymer 1,3-DIHYDROXYACETONEPHOSPHATE 'C3 H7 O6 P'
#
# COMPACT_ATOMS: atom_id res chain seq x y z
N GLY A 8 -35.52 -23.88 -1.00
CA GLY A 8 -35.61 -22.44 -0.59
C GLY A 8 -34.36 -22.01 0.17
N LEU A 9 -34.07 -20.72 0.16
CA LEU A 9 -32.78 -20.16 0.64
C LEU A 9 -32.45 -20.47 2.12
N THR A 10 -33.41 -20.32 3.03
CA THR A 10 -33.17 -20.72 4.42
C THR A 10 -32.87 -22.22 4.50
N LEU A 11 -33.69 -23.05 3.84
CA LEU A 11 -33.43 -24.49 3.81
C LEU A 11 -32.11 -24.78 3.10
N LEU A 12 -31.81 -24.03 2.05
CA LEU A 12 -30.57 -24.24 1.32
C LEU A 12 -29.36 -23.98 2.23
N GLU A 13 -29.44 -22.92 3.03
CA GLU A 13 -28.38 -22.55 3.94
C GLU A 13 -28.21 -23.61 5.01
N LYS A 14 -29.34 -24.12 5.52
CA LYS A 14 -29.31 -25.14 6.56
C LYS A 14 -28.61 -26.41 6.00
N THR A 15 -28.96 -26.79 4.77
CA THR A 15 -28.40 -28.00 4.17
C THR A 15 -26.90 -27.81 3.89
N LEU A 16 -26.53 -26.64 3.38
CA LEU A 16 -25.11 -26.37 3.11
C LEU A 16 -24.27 -26.41 4.39
N LYS A 17 -24.77 -25.79 5.45
CA LYS A 17 -24.06 -25.76 6.73
C LYS A 17 -23.80 -27.20 7.17
N GLU A 18 -24.81 -28.04 7.05
CA GLU A 18 -24.71 -29.43 7.47
C GLU A 18 -23.75 -30.22 6.57
N ARG A 19 -23.90 -30.08 5.26
CA ARG A 19 -23.14 -30.84 4.30
C ARG A 19 -21.64 -30.53 4.39
N LEU A 20 -21.32 -29.25 4.63
CA LEU A 20 -19.95 -28.76 4.64
C LEU A 20 -19.37 -28.54 6.05
N ASN A 21 -20.14 -28.90 7.08
CA ASN A 21 -19.77 -28.65 8.48
CA ASN A 21 -19.76 -28.67 8.48
C ASN A 21 -19.30 -27.21 8.72
N LEU A 22 -20.11 -26.27 8.27
CA LEU A 22 -19.78 -24.84 8.41
C LEU A 22 -20.18 -24.32 9.78
N LYS A 23 -19.45 -23.32 10.26
CA LYS A 23 -19.95 -22.53 11.39
C LYS A 23 -21.29 -21.85 11.03
N ASP A 24 -21.39 -21.38 9.77
CA ASP A 24 -22.62 -20.82 9.20
C ASP A 24 -22.48 -20.73 7.69
N ALA A 25 -23.61 -20.73 6.99
CA ALA A 25 -23.66 -20.50 5.55
C ALA A 25 -24.45 -19.21 5.25
N ILE A 26 -23.91 -18.36 4.39
CA ILE A 26 -24.62 -17.16 3.96
C ILE A 26 -24.68 -17.25 2.46
N ILE A 27 -25.89 -17.44 1.91
CA ILE A 27 -26.02 -17.61 0.45
C ILE A 27 -26.75 -16.43 -0.19
N VAL A 28 -26.06 -15.72 -1.08
CA VAL A 28 -26.69 -14.64 -1.82
C VAL A 28 -27.32 -15.18 -3.12
N SER A 29 -28.25 -14.44 -3.69
CA SER A 29 -28.99 -14.90 -4.88
C SER A 29 -28.16 -14.88 -6.15
N GLY A 30 -28.42 -15.84 -7.04
CA GLY A 30 -27.84 -15.83 -8.39
C GLY A 30 -26.55 -16.63 -8.48
N ASP A 31 -25.98 -16.62 -9.69
CA ASP A 31 -24.74 -17.32 -10.02
C ASP A 31 -23.72 -16.30 -10.54
N SER A 32 -22.67 -16.04 -9.73
CA SER A 32 -21.62 -15.07 -10.09
C SER A 32 -20.87 -15.40 -11.38
N ASP A 33 -20.92 -16.66 -11.83
CA ASP A 33 -20.31 -17.01 -13.12
C ASP A 33 -21.16 -16.56 -14.31
N GLN A 34 -22.44 -16.29 -14.05
CA GLN A 34 -23.38 -15.83 -15.09
C GLN A 34 -23.69 -14.34 -14.98
N SER A 35 -23.86 -13.90 -13.73
CA SER A 35 -24.19 -12.52 -13.39
C SER A 35 -23.01 -11.96 -12.62
N PRO A 36 -22.13 -11.22 -13.30
CA PRO A 36 -20.87 -10.80 -12.65
C PRO A 36 -21.07 -10.00 -11.36
N TRP A 37 -22.08 -9.14 -11.34
CA TRP A 37 -22.36 -8.30 -10.17
C TRP A 37 -22.69 -9.10 -8.90
N VAL A 38 -22.97 -10.39 -9.04
CA VAL A 38 -23.23 -11.23 -7.83
C VAL A 38 -22.00 -11.31 -6.93
N LYS A 39 -20.80 -11.23 -7.52
CA LYS A 39 -19.58 -11.14 -6.73
C LYS A 39 -19.64 -9.94 -5.75
N LYS A 40 -20.20 -8.82 -6.19
CA LYS A 40 -20.35 -7.64 -5.33
C LYS A 40 -21.33 -7.90 -4.20
N GLU A 41 -22.40 -8.65 -4.51
CA GLU A 41 -23.37 -9.02 -3.46
C GLU A 41 -22.77 -9.99 -2.43
N MET A 42 -21.92 -10.93 -2.88
CA MET A 42 -21.14 -11.72 -1.91
C MET A 42 -20.27 -10.78 -1.06
N GLY A 43 -19.61 -9.82 -1.71
CA GLY A 43 -18.78 -8.83 -1.00
C GLY A 43 -19.56 -8.12 0.09
N ARG A 44 -20.72 -7.61 -0.27
CA ARG A 44 -21.60 -6.86 0.64
C ARG A 44 -22.01 -7.73 1.84
N ALA A 45 -22.43 -8.98 1.59
CA ALA A 45 -22.79 -9.88 2.70
C ALA A 45 -21.60 -10.23 3.60
N ALA A 46 -20.41 -10.39 3.00
CA ALA A 46 -19.21 -10.73 3.77
C ALA A 46 -18.82 -9.60 4.70
N VAL A 47 -18.87 -8.36 4.19
CA VAL A 47 -18.61 -7.17 5.02
C VAL A 47 -19.57 -7.15 6.23
N ALA A 48 -20.86 -7.36 5.97
CA ALA A 48 -21.87 -7.38 7.05
C ALA A 48 -21.54 -8.46 8.09
N CYS A 49 -21.11 -9.61 7.61
CA CYS A 49 -20.71 -10.73 8.48
CA CYS A 49 -20.72 -10.72 8.49
C CYS A 49 -19.51 -10.37 9.35
N MET A 50 -18.48 -9.81 8.72
CA MET A 50 -17.29 -9.32 9.44
C MET A 50 -17.66 -8.39 10.60
N LYS A 51 -18.51 -7.42 10.31
CA LYS A 51 -18.93 -6.44 11.32
C LYS A 51 -19.69 -7.09 12.51
N LYS A 52 -20.42 -8.17 12.26
CA LYS A 52 -21.10 -8.91 13.34
C LYS A 52 -20.12 -9.65 14.26
N ARG A 53 -18.94 -9.95 13.73
CA ARG A 53 -17.96 -10.78 14.40
C ARG A 53 -16.87 -9.97 15.12
N PHE A 54 -16.72 -8.69 14.76
CA PHE A 54 -15.68 -7.86 15.35
C PHE A 54 -15.81 -7.77 16.89
N SER A 55 -14.67 -7.88 17.56
CA SER A 55 -14.57 -7.59 18.96
C SER A 55 -14.14 -6.13 19.10
N GLY A 56 -13.89 -5.70 20.33
CA GLY A 56 -13.40 -4.35 20.57
C GLY A 56 -12.14 -4.03 19.77
N LYS A 57 -11.23 -5.00 19.68
CA LYS A 57 -10.01 -4.85 18.88
C LYS A 57 -9.86 -6.06 17.96
N ASN A 58 -9.29 -5.81 16.78
CA ASN A 58 -9.29 -6.80 15.72
C ASN A 58 -8.05 -6.75 14.88
N ILE A 59 -7.54 -7.93 14.59
CA ILE A 59 -6.46 -8.09 13.62
C ILE A 59 -7.01 -9.02 12.54
N VAL A 60 -7.20 -8.43 11.36
CA VAL A 60 -7.90 -9.09 10.26
C VAL A 60 -6.92 -9.48 9.14
N ALA A 61 -6.69 -10.78 9.00
CA ALA A 61 -5.82 -11.28 7.94
C ALA A 61 -6.65 -11.56 6.69
N VAL A 62 -6.13 -11.17 5.54
CA VAL A 62 -6.89 -11.31 4.29
C VAL A 62 -6.05 -11.94 3.19
N THR A 63 -6.71 -12.65 2.27
CA THR A 63 -6.02 -13.12 1.07
C THR A 63 -6.33 -12.20 -0.09
N GLY A 64 -5.69 -12.47 -1.24
CA GLY A 64 -5.98 -11.74 -2.45
C GLY A 64 -7.07 -12.42 -3.26
N GLY A 65 -7.04 -12.18 -4.57
CA GLY A 65 -8.06 -12.73 -5.45
C GLY A 65 -9.20 -11.75 -5.66
N THR A 66 -9.97 -11.96 -6.72
CA THR A 66 -11.00 -11.00 -7.12
C THR A 66 -12.22 -11.01 -6.18
N THR A 67 -12.47 -12.13 -5.52
CA THR A 67 -13.61 -12.19 -4.62
C THR A 67 -13.33 -11.39 -3.35
N ILE A 68 -12.12 -11.51 -2.81
CA ILE A 68 -11.78 -10.71 -1.64
C ILE A 68 -11.61 -9.24 -2.04
N GLU A 69 -11.21 -8.97 -3.28
CA GLU A 69 -11.18 -7.59 -3.77
C GLU A 69 -12.61 -7.01 -3.75
N ALA A 70 -13.61 -7.83 -4.11
CA ALA A 70 -15.03 -7.40 -3.98
C ALA A 70 -15.45 -7.08 -2.55
N VAL A 71 -14.94 -7.85 -1.59
CA VAL A 71 -15.17 -7.58 -0.17
C VAL A 71 -14.60 -6.19 0.16
N ALA A 72 -13.34 -5.97 -0.26
CA ALA A 72 -12.69 -4.68 -0.05
C ALA A 72 -13.50 -3.54 -0.65
N GLU A 73 -13.99 -3.75 -1.88
CA GLU A 73 -14.74 -2.73 -2.60
C GLU A 73 -16.05 -2.36 -1.88
N MET A 74 -16.67 -3.34 -1.21
CA MET A 74 -17.93 -3.10 -0.52
CA MET A 74 -17.94 -3.15 -0.50
C MET A 74 -17.73 -2.72 0.95
N MET A 75 -16.48 -2.68 1.40
CA MET A 75 -16.19 -2.36 2.78
C MET A 75 -16.57 -0.91 3.07
N THR A 76 -17.10 -0.67 4.27
CA THR A 76 -17.37 0.69 4.74
C THR A 76 -16.94 0.75 6.20
N PRO A 77 -16.73 1.98 6.74
CA PRO A 77 -16.38 2.10 8.16
C PRO A 77 -17.36 1.41 9.11
N ASP A 78 -16.83 0.95 10.24
CA ASP A 78 -17.60 0.29 11.29
C ASP A 78 -18.41 1.34 12.07
N SER A 79 -19.73 1.25 12.03
CA SER A 79 -20.60 2.15 12.79
C SER A 79 -20.31 2.12 14.29
N LYS A 80 -19.82 0.97 14.78
CA LYS A 80 -19.46 0.82 16.19
C LYS A 80 -18.05 1.30 16.54
N ASN A 81 -17.29 1.68 15.50
CA ASN A 81 -15.94 2.24 15.66
CA ASN A 81 -15.94 2.23 15.66
C ASN A 81 -14.97 1.33 16.44
N ARG A 82 -15.01 0.04 16.15
CA ARG A 82 -14.10 -0.90 16.79
C ARG A 82 -12.70 -0.76 16.16
N GLU A 83 -11.65 -1.13 16.91
CA GLU A 83 -10.28 -1.00 16.40
C GLU A 83 -9.97 -2.06 15.33
N LEU A 84 -9.47 -1.63 14.17
CA LEU A 84 -9.24 -2.56 13.05
C LEU A 84 -7.82 -2.44 12.47
N LEU A 85 -7.09 -3.55 12.48
CA LEU A 85 -5.78 -3.60 11.84
C LEU A 85 -5.85 -4.73 10.83
N PHE A 86 -5.53 -4.42 9.58
CA PHE A 86 -5.61 -5.40 8.50
C PHE A 86 -4.21 -5.81 8.09
N VAL A 87 -4.03 -7.10 7.83
CA VAL A 87 -2.74 -7.64 7.37
C VAL A 87 -3.01 -8.66 6.25
N PRO A 88 -2.04 -8.84 5.32
CA PRO A 88 -2.18 -9.99 4.41
C PRO A 88 -1.92 -11.28 5.22
N ALA A 89 -2.60 -12.37 4.88
CA ALA A 89 -2.35 -13.64 5.57
C ALA A 89 -0.97 -14.23 5.23
N ARG A 90 -0.58 -14.13 3.96
CA ARG A 90 0.66 -14.72 3.45
C ARG A 90 1.32 -13.77 2.43
N GLY A 91 2.38 -14.21 1.76
CA GLY A 91 3.02 -13.40 0.70
C GLY A 91 2.18 -13.26 -0.56
N GLY A 92 2.83 -12.87 -1.66
CA GLY A 92 2.11 -12.57 -2.90
C GLY A 92 1.60 -13.78 -3.69
N LEU A 93 2.23 -14.93 -3.42
CA LEU A 93 1.81 -16.24 -3.97
C LEU A 93 1.88 -16.31 -5.51
N GLY A 94 2.61 -15.38 -6.10
CA GLY A 94 2.78 -15.35 -7.56
C GLY A 94 1.64 -14.71 -8.32
N GLU A 95 0.73 -14.05 -7.59
CA GLU A 95 -0.36 -13.28 -8.20
C GLU A 95 0.14 -11.97 -8.83
N ASP A 96 -0.58 -11.48 -9.84
CA ASP A 96 -0.36 -10.12 -10.35
C ASP A 96 -0.80 -9.12 -9.29
N VAL A 97 -0.34 -7.88 -9.43
CA VAL A 97 -0.53 -6.86 -8.40
C VAL A 97 -2.00 -6.75 -7.97
N LYS A 98 -2.92 -6.73 -8.93
CA LYS A 98 -4.33 -6.53 -8.57
C LYS A 98 -4.92 -7.67 -7.73
N ASN A 99 -4.29 -8.85 -7.79
CA ASN A 99 -4.75 -10.01 -7.01
C ASN A 99 -3.92 -10.36 -5.79
N GLN A 100 -2.89 -9.55 -5.51
CA GLN A 100 -2.02 -9.80 -4.37
C GLN A 100 -2.71 -9.45 -3.05
N ALA A 101 -2.50 -10.29 -2.04
CA ALA A 101 -3.00 -9.99 -0.70
C ALA A 101 -2.62 -8.60 -0.21
N ASN A 102 -1.40 -8.13 -0.49
CA ASN A 102 -0.99 -6.78 -0.05
C ASN A 102 -1.93 -5.70 -0.58
N THR A 103 -2.32 -5.83 -1.84
CA THR A 103 -3.15 -4.86 -2.54
C THR A 103 -4.56 -4.84 -1.95
N ILE A 104 -5.12 -6.03 -1.76
CA ILE A 104 -6.47 -6.17 -1.18
C ILE A 104 -6.47 -5.64 0.26
N CYS A 105 -5.40 -5.96 0.98
CA CYS A 105 -5.24 -5.55 2.40
C CYS A 105 -5.32 -4.03 2.50
N ALA A 106 -4.47 -3.34 1.75
CA ALA A 106 -4.49 -1.88 1.74
C ALA A 106 -5.86 -1.32 1.33
N HIS A 107 -6.46 -1.90 0.30
CA HIS A 107 -7.76 -1.42 -0.19
C HIS A 107 -8.84 -1.56 0.88
N MET A 108 -8.86 -2.70 1.56
CA MET A 108 -9.87 -2.97 2.57
C MET A 108 -9.71 -2.02 3.77
N ALA A 109 -8.47 -1.82 4.20
CA ALA A 109 -8.17 -0.97 5.36
C ALA A 109 -8.55 0.49 5.09
N GLU A 110 -8.26 0.97 3.90
CA GLU A 110 -8.68 2.33 3.48
C GLU A 110 -10.21 2.49 3.50
N LYS A 111 -10.92 1.49 2.95
CA LYS A 111 -12.38 1.54 2.90
C LYS A 111 -13.03 1.44 4.28
N ALA A 112 -12.34 0.74 5.19
CA ALA A 112 -12.80 0.55 6.56
C ALA A 112 -12.38 1.68 7.50
N SER A 113 -11.57 2.61 7.00
CA SER A 113 -10.93 3.61 7.86
C SER A 113 -10.13 2.94 9.00
N GLY A 114 -9.49 1.82 8.69
CA GLY A 114 -8.62 1.14 9.65
C GLY A 114 -7.15 1.39 9.36
N THR A 115 -6.29 0.64 10.04
CA THR A 115 -4.86 0.70 9.78
C THR A 115 -4.44 -0.60 9.10
N TYR A 116 -3.25 -0.64 8.51
CA TYR A 116 -2.77 -1.89 7.92
C TYR A 116 -1.25 -1.99 7.98
N ARG A 117 -0.76 -3.22 7.81
CA ARG A 117 0.68 -3.47 7.66
C ARG A 117 0.81 -4.42 6.48
N LEU A 118 1.93 -4.34 5.77
CA LEU A 118 2.12 -5.19 4.60
C LEU A 118 3.37 -6.06 4.78
N LEU A 119 3.39 -7.17 4.04
CA LEU A 119 4.54 -8.06 3.98
C LEU A 119 5.34 -7.68 2.75
N PHE A 120 6.52 -7.14 2.95
CA PHE A 120 7.34 -6.68 1.85
C PHE A 120 8.48 -7.66 1.66
N VAL A 121 8.19 -8.73 0.91
CA VAL A 121 9.15 -9.78 0.65
C VAL A 121 9.23 -9.99 -0.85
N PRO A 122 10.15 -9.28 -1.53
CA PRO A 122 10.25 -9.30 -2.99
C PRO A 122 10.61 -10.66 -3.57
N GLY A 123 10.28 -10.87 -4.84
CA GLY A 123 10.97 -11.85 -5.69
C GLY A 123 11.89 -11.08 -6.63
N GLN A 124 12.72 -11.76 -7.41
CA GLN A 124 13.04 -13.16 -7.26
C GLN A 124 14.44 -13.17 -6.64
N LEU A 125 14.48 -12.82 -5.35
CA LEU A 125 15.73 -12.65 -4.60
C LEU A 125 16.52 -13.94 -4.48
N SER A 126 17.84 -13.81 -4.44
CA SER A 126 18.71 -14.92 -4.08
C SER A 126 18.32 -15.47 -2.70
N GLN A 127 18.78 -16.69 -2.39
CA GLN A 127 18.45 -17.33 -1.12
CA GLN A 127 18.46 -17.34 -1.12
C GLN A 127 18.95 -16.49 0.06
N GLY A 128 20.21 -16.05 -0.02
CA GLY A 128 20.82 -15.22 1.01
C GLY A 128 20.02 -13.96 1.31
N ALA A 129 19.70 -13.19 0.27
CA ALA A 129 18.97 -11.93 0.43
C ALA A 129 17.55 -12.18 0.94
N TYR A 130 16.91 -13.22 0.43
CA TYR A 130 15.58 -13.63 0.88
C TYR A 130 15.56 -13.84 2.40
N SER A 131 16.47 -14.69 2.90
CA SER A 131 16.54 -14.99 4.34
CA SER A 131 16.55 -14.99 4.33
C SER A 131 16.84 -13.73 5.16
N SER A 132 17.62 -12.81 4.58
CA SER A 132 17.93 -11.54 5.23
C SER A 132 16.70 -10.69 5.40
N ILE A 133 15.93 -10.55 4.32
CA ILE A 133 14.69 -9.77 4.30
C ILE A 133 13.70 -10.31 5.36
N ILE A 134 13.58 -11.63 5.46
CA ILE A 134 12.56 -12.21 6.34
C ILE A 134 12.93 -12.23 7.84
N GLU A 135 14.21 -12.01 8.13
CA GLU A 135 14.72 -11.97 9.51
C GLU A 135 14.73 -10.53 10.02
N GLU A 136 14.47 -9.60 9.12
CA GLU A 136 14.58 -8.17 9.40
C GLU A 136 13.45 -7.72 10.34
N PRO A 137 13.76 -6.82 11.31
CA PRO A 137 12.80 -6.42 12.34
C PRO A 137 11.38 -6.04 11.87
N SER A 138 11.27 -5.21 10.83
CA SER A 138 9.92 -4.77 10.40
C SER A 138 9.10 -5.92 9.87
N VAL A 139 9.74 -6.81 9.12
CA VAL A 139 9.06 -8.00 8.59
C VAL A 139 8.64 -8.91 9.73
N LYS A 140 9.55 -9.17 10.66
CA LYS A 140 9.21 -9.97 11.84
C LYS A 140 8.00 -9.41 12.59
N GLU A 141 7.96 -8.09 12.75
CA GLU A 141 6.79 -7.45 13.38
C GLU A 141 5.48 -7.84 12.69
N VAL A 142 5.48 -7.78 11.37
CA VAL A 142 4.27 -8.09 10.60
C VAL A 142 3.90 -9.56 10.77
N LEU A 143 4.89 -10.43 10.65
CA LEU A 143 4.66 -11.87 10.86
C LEU A 143 4.06 -12.16 12.24
N ASN A 144 4.58 -11.50 13.26
CA ASN A 144 4.01 -11.59 14.62
C ASN A 144 2.56 -11.15 14.71
N THR A 145 2.23 -10.07 14.01
CA THR A 145 0.88 -9.54 13.92
C THR A 145 -0.08 -10.57 13.27
N ILE A 146 0.35 -11.17 12.16
CA ILE A 146 -0.44 -12.18 11.47
C ILE A 146 -0.67 -13.38 12.41
N LYS A 147 0.34 -13.75 13.18
CA LYS A 147 0.23 -14.87 14.12
C LYS A 147 -0.87 -14.61 15.17
N SER A 148 -1.15 -13.32 15.43
CA SER A 148 -2.20 -13.00 16.40
CA SER A 148 -2.17 -12.92 16.40
C SER A 148 -3.51 -12.55 15.75
N ALA A 149 -3.69 -12.91 14.47
CA ALA A 149 -4.94 -12.58 13.77
C ALA A 149 -6.15 -13.09 14.56
N SER A 150 -7.18 -12.24 14.69
CA SER A 150 -8.47 -12.62 15.27
C SER A 150 -9.51 -13.01 14.20
N MET A 151 -9.24 -12.66 12.95
CA MET A 151 -10.15 -12.98 11.84
C MET A 151 -9.33 -13.29 10.61
N LEU A 152 -9.85 -14.19 9.78
CA LEU A 152 -9.24 -14.48 8.50
C LEU A 152 -10.35 -14.39 7.47
N VAL A 153 -10.10 -13.64 6.40
CA VAL A 153 -11.07 -13.56 5.29
C VAL A 153 -10.35 -14.05 4.04
N HIS A 154 -10.82 -15.16 3.47
CA HIS A 154 -10.10 -15.80 2.38
C HIS A 154 -11.01 -16.26 1.24
N GLY A 155 -10.41 -16.40 0.06
CA GLY A 155 -11.10 -16.99 -1.08
C GLY A 155 -10.88 -18.50 -1.17
N ILE A 156 -11.62 -19.14 -2.07
CA ILE A 156 -11.36 -20.53 -2.44
C ILE A 156 -11.39 -20.56 -3.96
N GLY A 157 -10.43 -21.24 -4.58
CA GLY A 157 -10.38 -21.33 -6.03
C GLY A 157 -10.25 -22.75 -6.54
N GLU A 158 -10.51 -22.95 -7.83
CA GLU A 158 -10.25 -24.23 -8.47
C GLU A 158 -8.73 -24.37 -8.57
N ALA A 159 -8.19 -25.56 -8.32
CA ALA A 159 -6.73 -25.74 -8.30
C ALA A 159 -6.05 -25.31 -9.60
N LYS A 160 -6.49 -25.90 -10.71
CA LYS A 160 -5.86 -25.62 -12.00
C LYS A 160 -5.94 -24.12 -12.32
N THR A 161 -7.10 -23.53 -12.06
CA THR A 161 -7.35 -22.11 -12.36
C THR A 161 -6.39 -21.20 -11.61
N MET A 162 -6.23 -21.44 -10.32
CA MET A 162 -5.36 -20.65 -9.48
C MET A 162 -3.90 -20.85 -9.90
N ALA A 163 -3.52 -22.10 -10.12
CA ALA A 163 -2.12 -22.42 -10.45
C ALA A 163 -1.72 -21.74 -11.76
N GLN A 164 -2.63 -21.72 -12.73
CA GLN A 164 -2.32 -21.11 -14.02
C GLN A 164 -2.31 -19.57 -14.01
N ARG A 165 -3.21 -18.98 -13.24
CA ARG A 165 -3.25 -17.52 -13.04
C ARG A 165 -1.98 -17.00 -12.36
N ARG A 166 -1.46 -17.75 -11.41
CA ARG A 166 -0.21 -17.41 -10.74
C ARG A 166 0.86 -17.86 -11.70
N ASN A 167 2.12 -17.58 -11.45
CA ASN A 167 3.10 -17.99 -12.46
CA ASN A 167 3.11 -17.97 -12.44
C ASN A 167 3.79 -19.28 -12.07
N THR A 168 2.96 -20.25 -11.69
CA THR A 168 3.46 -21.49 -11.17
C THR A 168 4.47 -22.15 -12.12
N PRO A 169 5.65 -22.50 -11.57
CA PRO A 169 6.68 -23.23 -12.32
C PRO A 169 6.11 -24.53 -12.87
N LEU A 170 6.57 -24.91 -14.07
CA LEU A 170 6.08 -26.14 -14.70
C LEU A 170 6.20 -27.37 -13.81
N GLU A 171 7.28 -27.48 -13.05
CA GLU A 171 7.43 -28.64 -12.16
C GLU A 171 6.34 -28.70 -11.10
N ASP A 172 5.91 -27.54 -10.58
CA ASP A 172 4.85 -27.51 -9.59
C ASP A 172 3.47 -27.73 -10.23
N LEU A 173 3.31 -27.26 -11.46
CA LEU A 173 2.07 -27.55 -12.19
C LEU A 173 1.89 -29.04 -12.35
N LYS A 174 2.98 -29.72 -12.69
CA LYS A 174 2.95 -31.18 -12.84
C LYS A 174 2.59 -31.86 -11.53
N LYS A 175 3.13 -31.39 -10.42
CA LYS A 175 2.87 -32.03 -9.12
C LYS A 175 1.42 -31.81 -8.70
N ILE A 176 0.91 -30.59 -8.94
CA ILE A 176 -0.48 -30.26 -8.65
C ILE A 176 -1.42 -31.19 -9.46
N ASP A 177 -1.11 -31.37 -10.73
CA ASP A 177 -1.83 -32.30 -11.63
C ASP A 177 -1.72 -33.77 -11.21
N ASP A 178 -0.48 -34.23 -11.00
CA ASP A 178 -0.20 -35.62 -10.58
C ASP A 178 -0.88 -35.99 -9.28
N ASN A 179 -1.03 -35.02 -8.40
CA ASN A 179 -1.63 -35.28 -7.09
C ASN A 179 -3.13 -35.02 -7.04
N ASP A 180 -3.73 -34.80 -8.21
CA ASP A 180 -5.17 -34.58 -8.37
C ASP A 180 -5.73 -33.49 -7.45
N ALA A 181 -5.00 -32.38 -7.33
CA ALA A 181 -5.51 -31.22 -6.63
C ALA A 181 -6.79 -30.73 -7.30
N VAL A 182 -7.78 -30.36 -6.49
CA VAL A 182 -9.02 -29.86 -7.06
C VAL A 182 -9.38 -28.47 -6.54
N THR A 183 -8.81 -28.08 -5.40
CA THR A 183 -9.18 -26.81 -4.78
C THR A 183 -7.95 -26.12 -4.22
N GLU A 184 -8.08 -24.83 -3.94
CA GLU A 184 -6.98 -24.02 -3.46
C GLU A 184 -7.51 -22.99 -2.47
N ALA A 185 -6.73 -22.69 -1.44
CA ALA A 185 -6.99 -21.59 -0.53
C ALA A 185 -5.70 -21.19 0.15
N PHE A 186 -5.51 -19.87 0.26
CA PHE A 186 -4.36 -19.23 0.87
C PHE A 186 -3.03 -19.92 0.58
N GLY A 187 -2.85 -20.31 -0.68
CA GLY A 187 -1.57 -20.85 -1.14
C GLY A 187 -1.36 -22.33 -0.89
N TYR A 188 -2.42 -23.03 -0.51
CA TYR A 188 -2.37 -24.48 -0.36
C TYR A 188 -3.29 -25.09 -1.39
N TYR A 189 -2.85 -26.19 -2.02
CA TYR A 189 -3.67 -26.94 -2.96
C TYR A 189 -4.09 -28.25 -2.31
N PHE A 190 -5.37 -28.61 -2.43
CA PHE A 190 -5.94 -29.76 -1.73
C PHE A 190 -6.58 -30.71 -2.73
N ASN A 191 -6.57 -32.02 -2.44
CA ASN A 191 -7.28 -33.01 -3.27
C ASN A 191 -8.76 -33.07 -2.88
N ALA A 192 -9.49 -34.01 -3.46
CA ALA A 192 -10.93 -34.17 -3.25
C ALA A 192 -11.33 -34.51 -1.82
N ASP A 193 -10.38 -35.02 -1.04
CA ASP A 193 -10.64 -35.37 0.38
C ASP A 193 -10.24 -34.22 1.32
N GLY A 194 -9.87 -33.09 0.74
CA GLY A 194 -9.48 -31.90 1.49
C GLY A 194 -8.09 -31.99 2.11
N GLU A 195 -7.24 -32.87 1.56
CA GLU A 195 -5.88 -33.07 2.10
C GLU A 195 -4.90 -32.23 1.30
N VAL A 196 -3.98 -31.55 1.99
CA VAL A 196 -2.94 -30.78 1.30
C VAL A 196 -2.11 -31.69 0.40
N VAL A 197 -1.96 -31.32 -0.86
CA VAL A 197 -1.05 -32.05 -1.74
C VAL A 197 0.10 -31.19 -2.26
N HIS A 198 -0.03 -29.86 -2.15
CA HIS A 198 1.07 -28.96 -2.56
C HIS A 198 0.87 -27.63 -1.85
N LYS A 199 1.97 -27.01 -1.46
CA LYS A 199 1.91 -25.75 -0.74
C LYS A 199 2.85 -24.78 -1.43
N VAL A 200 2.36 -23.57 -1.68
CA VAL A 200 3.23 -22.50 -2.13
C VAL A 200 4.06 -22.07 -0.94
N HIS A 201 5.38 -22.07 -1.10
CA HIS A 201 6.30 -21.57 -0.09
CA HIS A 201 6.25 -21.58 -0.05
C HIS A 201 6.09 -20.07 0.06
N SER A 202 5.81 -19.60 1.28
CA SER A 202 5.57 -18.18 1.54
C SER A 202 5.49 -17.99 3.04
N VAL A 203 6.03 -16.87 3.52
CA VAL A 203 6.02 -16.57 4.95
C VAL A 203 4.60 -16.20 5.39
N GLY A 204 4.38 -16.15 6.70
CA GLY A 204 3.08 -15.77 7.26
C GLY A 204 2.27 -16.98 7.70
N MET A 205 0.96 -16.83 7.63
CA MET A 205 0.02 -17.84 8.09
C MET A 205 0.23 -19.21 7.44
N GLN A 206 0.21 -20.27 8.25
CA GLN A 206 0.27 -21.63 7.76
C GLN A 206 -1.08 -22.29 8.01
N LEU A 207 -1.35 -23.40 7.35
CA LEU A 207 -2.64 -24.07 7.51
C LEU A 207 -2.92 -24.41 8.99
N ASP A 208 -1.89 -24.86 9.70
CA ASP A 208 -2.05 -25.25 11.11
C ASP A 208 -2.46 -24.05 11.97
N ASP A 209 -2.19 -22.83 11.50
CA ASP A 209 -2.49 -21.62 12.28
C ASP A 209 -3.96 -21.23 12.26
N ILE A 210 -4.74 -21.76 11.30
CA ILE A 210 -6.14 -21.30 11.18
C ILE A 210 -7.02 -21.76 12.36
N ASP A 211 -6.67 -22.86 13.00
CA ASP A 211 -7.46 -23.37 14.12
C ASP A 211 -7.51 -22.38 15.29
N ALA A 212 -6.46 -21.59 15.44
CA ALA A 212 -6.37 -20.61 16.51
C ALA A 212 -7.11 -19.29 16.19
N ILE A 213 -7.58 -19.14 14.96
CA ILE A 213 -8.30 -17.91 14.58
C ILE A 213 -9.80 -18.07 14.82
N PRO A 214 -10.37 -17.25 15.73
CA PRO A 214 -11.77 -17.39 16.15
C PRO A 214 -12.80 -17.24 15.04
N ASP A 215 -12.55 -16.33 14.08
CA ASP A 215 -13.53 -16.06 13.04
C ASP A 215 -12.90 -16.17 11.66
N ILE A 216 -13.29 -17.22 10.93
CA ILE A 216 -12.77 -17.43 9.58
C ILE A 216 -13.96 -17.29 8.67
N ILE A 217 -13.84 -16.41 7.68
CA ILE A 217 -14.91 -16.19 6.70
C ILE A 217 -14.33 -16.47 5.31
N ALA A 218 -14.84 -17.53 4.68
CA ALA A 218 -14.54 -17.82 3.28
C ALA A 218 -15.59 -17.19 2.37
N VAL A 219 -15.12 -16.57 1.29
CA VAL A 219 -16.00 -15.93 0.36
C VAL A 219 -15.66 -16.50 -1.01
N ALA A 220 -16.61 -17.20 -1.59
CA ALA A 220 -16.37 -17.92 -2.84
C ALA A 220 -17.68 -18.41 -3.40
N GLY A 221 -17.87 -18.21 -4.69
CA GLY A 221 -19.13 -18.59 -5.33
C GLY A 221 -19.00 -18.84 -6.81
N GLY A 222 -20.14 -19.10 -7.45
CA GLY A 222 -20.20 -19.35 -8.88
C GLY A 222 -20.28 -20.85 -9.11
N SER A 223 -21.06 -21.27 -10.09
CA SER A 223 -21.24 -22.70 -10.31
C SER A 223 -19.90 -23.41 -10.60
N SER A 224 -18.96 -22.71 -11.23
CA SER A 224 -17.64 -23.30 -11.55
C SER A 224 -16.83 -23.73 -10.32
N LYS A 225 -17.16 -23.21 -9.12
CA LYS A 225 -16.41 -23.52 -7.90
C LYS A 225 -17.07 -24.55 -7.00
N ALA A 226 -18.19 -25.12 -7.44
CA ALA A 226 -18.93 -26.04 -6.57
C ALA A 226 -18.04 -27.19 -6.08
N GLU A 227 -17.29 -27.81 -7.00
CA GLU A 227 -16.43 -28.94 -6.62
C GLU A 227 -15.27 -28.51 -5.71
N ALA A 228 -14.67 -27.37 -6.01
CA ALA A 228 -13.59 -26.80 -5.20
C ALA A 228 -14.05 -26.52 -3.77
N ILE A 229 -15.26 -25.99 -3.63
CA ILE A 229 -15.75 -25.59 -2.33
C ILE A 229 -16.04 -26.87 -1.54
N GLU A 230 -16.67 -27.85 -2.17
CA GLU A 230 -16.99 -29.09 -1.48
C GLU A 230 -15.72 -29.77 -0.96
N ALA A 231 -14.70 -29.86 -1.81
CA ALA A 231 -13.43 -30.49 -1.47
C ALA A 231 -12.75 -29.78 -0.31
N TYR A 232 -12.67 -28.44 -0.34
CA TYR A 232 -12.00 -27.70 0.71
C TYR A 232 -12.66 -28.00 2.04
N PHE A 233 -13.98 -28.04 2.08
CA PHE A 233 -14.70 -28.28 3.33
C PHE A 233 -14.89 -29.76 3.71
N LYS A 234 -14.16 -30.66 3.05
CA LYS A 234 -14.21 -32.08 3.42
C LYS A 234 -13.61 -32.34 4.81
N LYS A 235 -12.69 -31.47 5.22
CA LYS A 235 -12.18 -31.43 6.60
C LYS A 235 -12.92 -30.34 7.38
N PRO A 236 -13.08 -30.50 8.71
CA PRO A 236 -13.68 -29.42 9.50
C PRO A 236 -12.79 -28.17 9.51
N ARG A 237 -13.35 -27.05 9.09
CA ARG A 237 -12.59 -25.80 9.05
C ARG A 237 -13.12 -24.74 10.02
N ASN A 238 -14.19 -25.05 10.76
CA ASN A 238 -14.81 -24.08 11.68
C ASN A 238 -15.02 -22.69 11.03
N THR A 239 -15.51 -22.70 9.79
CA THR A 239 -15.51 -21.52 8.93
C THR A 239 -16.93 -21.10 8.54
N VAL A 240 -17.15 -19.78 8.42
CA VAL A 240 -18.37 -19.24 7.84
C VAL A 240 -18.17 -19.11 6.32
N LEU A 241 -19.06 -19.69 5.53
CA LEU A 241 -18.96 -19.57 4.08
C LEU A 241 -19.99 -18.57 3.56
N VAL A 242 -19.48 -17.56 2.88
CA VAL A 242 -20.30 -16.66 2.10
C VAL A 242 -20.20 -17.12 0.65
N THR A 243 -21.34 -17.48 0.09
CA THR A 243 -21.33 -18.02 -1.28
C THR A 243 -22.60 -17.57 -2.04
N ASP A 244 -22.83 -18.12 -3.23
CA ASP A 244 -24.05 -17.79 -3.98
C ASP A 244 -24.84 -19.03 -4.33
N GLU A 245 -26.04 -18.84 -4.89
CA GLU A 245 -26.90 -19.96 -5.31
C GLU A 245 -26.23 -20.79 -6.40
N GLY A 246 -25.48 -20.12 -7.28
CA GLY A 246 -24.71 -20.80 -8.32
C GLY A 246 -23.89 -21.95 -7.78
N ALA A 247 -23.02 -21.65 -6.80
CA ALA A 247 -22.21 -22.68 -6.16
C ALA A 247 -23.04 -23.65 -5.31
N ALA A 248 -23.91 -23.09 -4.47
CA ALA A 248 -24.62 -23.88 -3.44
C ALA A 248 -25.59 -24.89 -4.04
N LYS A 249 -26.37 -24.44 -5.02
CA LYS A 249 -27.35 -25.33 -5.64
C LYS A 249 -26.63 -26.46 -6.41
N LYS A 250 -25.54 -26.13 -7.09
CA LYS A 250 -24.78 -27.14 -7.83
CA LYS A 250 -24.80 -27.15 -7.83
C LYS A 250 -24.18 -28.18 -6.87
N LEU A 251 -23.52 -27.69 -5.83
CA LEU A 251 -22.91 -28.54 -4.82
C LEU A 251 -23.95 -29.51 -4.19
N LEU A 252 -25.10 -28.95 -3.84
CA LEU A 252 -26.16 -29.69 -3.17
C LEU A 252 -27.10 -30.47 -4.09
N ARG A 253 -26.85 -30.36 -5.41
CA ARG A 253 -27.69 -30.99 -6.44
C ARG A 253 -29.16 -30.54 -6.34
N ASP A 254 -29.34 -29.24 -6.15
CA ASP A 254 -30.67 -28.66 -5.98
C ASP A 254 -30.97 -27.66 -7.09
N GLU A 255 -30.39 -27.87 -8.26
CA GLU A 255 -30.65 -26.99 -9.41
C GLU A 255 -31.98 -27.32 -10.08
N SER B 1 -3.02 34.78 -14.64
CA SER B 1 -4.34 34.18 -14.28
C SER B 1 -5.20 35.25 -13.63
N ASN B 2 -6.41 35.47 -14.15
CA ASN B 2 -7.37 36.41 -13.54
C ASN B 2 -7.80 36.01 -12.15
N ALA B 3 -7.93 34.71 -11.94
CA ALA B 3 -8.28 34.19 -10.63
C ALA B 3 -7.17 34.54 -9.64
N LYS B 4 -5.92 34.27 -10.01
CA LYS B 4 -4.80 34.54 -9.11
C LYS B 4 -4.69 36.04 -8.85
N ASP B 5 -4.91 36.83 -9.90
CA ASP B 5 -4.84 38.30 -9.83
C ASP B 5 -5.88 38.82 -8.83
N VAL B 6 -7.13 38.42 -9.02
CA VAL B 6 -8.22 38.97 -8.19
C VAL B 6 -8.07 38.55 -6.71
N LEU B 7 -7.49 37.38 -6.48
CA LEU B 7 -7.31 36.84 -5.14
C LEU B 7 -6.01 37.34 -4.50
N GLY B 8 -5.22 38.12 -5.24
CA GLY B 8 -3.95 38.65 -4.71
C GLY B 8 -2.81 37.65 -4.70
N LEU B 9 -3.05 36.45 -5.26
CA LEU B 9 -2.06 35.37 -5.31
C LEU B 9 -0.89 35.66 -6.25
N THR B 10 -1.13 36.37 -7.33
CA THR B 10 -0.05 36.72 -8.26
C THR B 10 1.05 37.51 -7.54
N LEU B 11 0.64 38.51 -6.78
CA LEU B 11 1.59 39.32 -6.02
C LEU B 11 2.25 38.50 -4.93
N LEU B 12 1.44 37.69 -4.24
CA LEU B 12 1.95 36.88 -3.14
C LEU B 12 3.03 35.93 -3.66
N GLU B 13 2.77 35.29 -4.81
CA GLU B 13 3.77 34.40 -5.43
C GLU B 13 5.06 35.17 -5.77
N LYS B 14 4.92 36.35 -6.37
CA LYS B 14 6.10 37.16 -6.71
C LYS B 14 6.93 37.46 -5.46
N THR B 15 6.24 37.86 -4.39
CA THR B 15 6.88 38.22 -3.12
C THR B 15 7.57 36.99 -2.51
N LEU B 16 6.86 35.86 -2.50
CA LEU B 16 7.44 34.64 -1.91
C LEU B 16 8.67 34.14 -2.69
N LYS B 17 8.58 34.16 -4.02
CA LYS B 17 9.68 33.73 -4.87
C LYS B 17 10.93 34.55 -4.60
N GLU B 18 10.74 35.86 -4.47
CA GLU B 18 11.85 36.78 -4.23
C GLU B 18 12.45 36.56 -2.85
N ARG B 19 11.55 36.42 -1.86
CA ARG B 19 11.93 36.19 -0.48
C ARG B 19 12.77 34.93 -0.29
N LEU B 20 12.37 33.85 -0.94
CA LEU B 20 13.01 32.54 -0.75
C LEU B 20 13.98 32.16 -1.90
N ASN B 21 14.23 33.09 -2.81
CA ASN B 21 15.03 32.82 -4.02
C ASN B 21 14.65 31.51 -4.72
N LEU B 22 13.38 31.37 -5.04
CA LEU B 22 12.87 30.14 -5.62
C LEU B 22 12.97 30.18 -7.13
N LYS B 23 12.97 29.02 -7.78
CA LYS B 23 12.87 29.00 -9.24
C LYS B 23 11.50 29.55 -9.62
N ASP B 24 10.49 29.17 -8.85
CA ASP B 24 9.16 29.74 -8.96
C ASP B 24 8.39 29.37 -7.71
N ALA B 25 7.34 30.14 -7.43
CA ALA B 25 6.43 29.88 -6.32
C ALA B 25 5.01 29.75 -6.87
N ILE B 26 4.30 28.72 -6.41
CA ILE B 26 2.91 28.51 -6.77
C ILE B 26 2.14 28.44 -5.46
N ILE B 27 1.15 29.33 -5.29
CA ILE B 27 0.39 29.37 -4.05
C ILE B 27 -1.10 29.21 -4.31
N VAL B 28 -1.73 28.31 -3.56
CA VAL B 28 -3.15 28.06 -3.69
C VAL B 28 -3.82 28.77 -2.53
N SER B 29 -5.11 29.04 -2.67
CA SER B 29 -5.84 29.74 -1.64
C SER B 29 -5.96 28.91 -0.37
N GLY B 30 -6.00 29.61 0.76
CA GLY B 30 -6.40 28.96 2.01
C GLY B 30 -5.27 28.40 2.85
N ASP B 31 -5.67 27.78 3.97
CA ASP B 31 -4.71 27.23 4.92
C ASP B 31 -5.04 25.75 5.10
N SER B 32 -4.15 24.88 4.63
CA SER B 32 -4.38 23.45 4.66
C SER B 32 -4.47 22.91 6.10
N ASP B 33 -3.93 23.64 7.07
CA ASP B 33 -4.11 23.27 8.48
C ASP B 33 -5.56 23.46 8.96
N GLN B 34 -6.32 24.27 8.24
CA GLN B 34 -7.72 24.57 8.61
C GLN B 34 -8.74 23.94 7.67
N SER B 35 -8.38 23.84 6.39
CA SER B 35 -9.35 23.40 5.34
C SER B 35 -8.73 22.23 4.58
N PRO B 36 -9.33 21.02 4.67
CA PRO B 36 -8.75 19.80 4.10
C PRO B 36 -8.59 19.82 2.57
N TRP B 37 -9.48 20.52 1.88
CA TRP B 37 -9.42 20.57 0.41
C TRP B 37 -8.21 21.34 -0.12
N VAL B 38 -7.64 22.22 0.69
CA VAL B 38 -6.48 23.02 0.26
C VAL B 38 -5.27 22.12 -0.05
N LYS B 39 -5.09 21.05 0.72
CA LYS B 39 -3.99 20.11 0.41
C LYS B 39 -4.21 19.45 -0.96
N LYS B 40 -5.47 19.12 -1.27
CA LYS B 40 -5.78 18.59 -2.59
C LYS B 40 -5.46 19.60 -3.70
N GLU B 41 -5.72 20.87 -3.44
CA GLU B 41 -5.43 21.93 -4.43
C GLU B 41 -3.92 22.10 -4.62
N MET B 42 -3.15 21.99 -3.54
CA MET B 42 -1.68 21.89 -3.67
C MET B 42 -1.26 20.69 -4.53
N GLY B 43 -1.92 19.54 -4.34
CA GLY B 43 -1.65 18.34 -5.16
C GLY B 43 -1.91 18.66 -6.63
N ARG B 44 -3.06 19.26 -6.89
CA ARG B 44 -3.44 19.60 -8.29
C ARG B 44 -2.42 20.55 -8.93
N ALA B 45 -2.00 21.57 -8.17
CA ALA B 45 -1.04 22.55 -8.66
C ALA B 45 0.32 21.90 -8.92
N ALA B 46 0.73 21.01 -8.02
CA ALA B 46 2.01 20.27 -8.21
C ALA B 46 1.97 19.41 -9.47
N VAL B 47 0.87 18.69 -9.67
CA VAL B 47 0.70 17.88 -10.89
C VAL B 47 0.81 18.74 -12.16
N ALA B 48 0.16 19.90 -12.15
CA ALA B 48 0.23 20.84 -13.30
C ALA B 48 1.66 21.24 -13.57
N CYS B 49 2.39 21.53 -12.50
CA CYS B 49 3.80 21.85 -12.60
CA CYS B 49 3.83 21.84 -12.57
C CYS B 49 4.66 20.72 -13.18
N MET B 50 4.44 19.50 -12.70
CA MET B 50 5.14 18.31 -13.21
C MET B 50 4.91 18.18 -14.70
N LYS B 51 3.65 18.24 -15.11
CA LYS B 51 3.30 18.09 -16.53
C LYS B 51 3.96 19.14 -17.45
N LYS B 52 4.07 20.37 -16.94
CA LYS B 52 4.71 21.46 -17.68
C LYS B 52 6.20 21.17 -17.90
N ARG B 53 6.80 20.45 -16.95
CA ARG B 53 8.25 20.23 -16.93
CA ARG B 53 8.24 20.23 -16.92
C ARG B 53 8.70 18.86 -17.44
N PHE B 54 7.76 17.92 -17.63
CA PHE B 54 8.13 16.62 -18.23
C PHE B 54 8.84 16.81 -19.59
N SER B 55 9.79 15.95 -19.90
CA SER B 55 10.32 15.90 -21.26
C SER B 55 9.87 14.59 -21.90
N GLY B 56 10.53 14.17 -22.97
CA GLY B 56 10.17 12.94 -23.68
C GLY B 56 10.24 11.69 -22.81
N LYS B 57 11.26 11.65 -21.95
CA LYS B 57 11.49 10.52 -21.06
C LYS B 57 11.79 11.06 -19.67
N ASN B 58 11.18 10.46 -18.65
CA ASN B 58 11.21 10.98 -17.30
C ASN B 58 11.42 9.88 -16.29
N ILE B 59 12.31 10.13 -15.34
CA ILE B 59 12.45 9.31 -14.13
C ILE B 59 12.13 10.24 -12.97
N VAL B 60 11.00 9.99 -12.33
CA VAL B 60 10.47 10.91 -11.33
C VAL B 60 10.69 10.30 -9.94
N ALA B 61 11.54 10.92 -9.13
CA ALA B 61 11.78 10.44 -7.77
C ALA B 61 10.79 11.14 -6.85
N VAL B 62 10.20 10.40 -5.92
CA VAL B 62 9.18 11.02 -5.04
C VAL B 62 9.44 10.65 -3.58
N THR B 63 9.02 11.52 -2.65
CA THR B 63 9.04 11.16 -1.26
C THR B 63 7.66 10.72 -0.79
N GLY B 64 7.57 10.29 0.46
CA GLY B 64 6.28 9.96 1.02
C GLY B 64 5.68 11.16 1.70
N GLY B 65 4.83 10.91 2.69
CA GLY B 65 4.05 11.93 3.39
C GLY B 65 2.68 12.19 2.77
N THR B 66 1.80 12.82 3.55
CA THR B 66 0.42 13.04 3.13
C THR B 66 0.30 14.05 1.98
N THR B 67 1.27 14.98 1.88
CA THR B 67 1.18 16.02 0.86
C THR B 67 1.53 15.43 -0.50
N ILE B 68 2.58 14.59 -0.55
CA ILE B 68 2.89 13.95 -1.84
C ILE B 68 1.83 12.89 -2.17
N GLU B 69 1.24 12.26 -1.14
CA GLU B 69 0.05 11.42 -1.41
C GLU B 69 -1.05 12.22 -2.11
N ALA B 70 -1.27 13.46 -1.67
CA ALA B 70 -2.23 14.36 -2.33
C ALA B 70 -1.88 14.66 -3.79
N VAL B 71 -0.59 14.82 -4.08
CA VAL B 71 -0.10 14.93 -5.46
C VAL B 71 -0.49 13.67 -6.25
N ALA B 72 -0.24 12.50 -5.69
CA ALA B 72 -0.56 11.23 -6.34
C ALA B 72 -2.06 11.13 -6.61
N GLU B 73 -2.86 11.54 -5.64
CA GLU B 73 -4.31 11.45 -5.74
C GLU B 73 -4.83 12.32 -6.88
N MET B 74 -4.14 13.42 -7.12
CA MET B 74 -4.53 14.37 -8.15
C MET B 74 -3.90 14.08 -9.51
N MET B 75 -3.02 13.09 -9.58
CA MET B 75 -2.32 12.78 -10.83
C MET B 75 -3.29 12.21 -11.87
N THR B 76 -3.02 12.48 -13.15
CA THR B 76 -3.81 11.95 -14.25
C THR B 76 -2.85 11.56 -15.38
N PRO B 77 -3.30 10.71 -16.31
CA PRO B 77 -2.43 10.34 -17.45
C PRO B 77 -1.93 11.55 -18.22
N ASP B 78 -0.78 11.39 -18.87
CA ASP B 78 -0.18 12.46 -19.64
C ASP B 78 -0.80 12.47 -21.04
N SER B 79 -1.46 13.58 -21.39
CA SER B 79 -2.09 13.67 -22.71
C SER B 79 -1.09 13.67 -23.86
N LYS B 80 0.18 13.91 -23.54
CA LYS B 80 1.26 13.82 -24.52
C LYS B 80 1.88 12.42 -24.60
N ASN B 81 1.42 11.53 -23.72
CA ASN B 81 1.90 10.14 -23.63
CA ASN B 81 1.90 10.14 -23.68
C ASN B 81 3.43 10.05 -23.59
N ARG B 82 4.04 10.89 -22.75
CA ARG B 82 5.47 10.87 -22.59
C ARG B 82 5.84 9.75 -21.62
N GLU B 83 7.09 9.29 -21.68
CA GLU B 83 7.50 8.12 -20.92
C GLU B 83 7.72 8.49 -19.44
N LEU B 84 7.03 7.79 -18.54
CA LEU B 84 7.05 8.10 -17.10
C LEU B 84 7.38 6.88 -16.23
N LEU B 85 8.53 6.95 -15.56
CA LEU B 85 8.93 5.93 -14.59
C LEU B 85 9.09 6.63 -13.25
N PHE B 86 8.40 6.09 -12.23
CA PHE B 86 8.40 6.65 -10.87
C PHE B 86 9.19 5.76 -9.91
N VAL B 87 10.04 6.39 -9.10
CA VAL B 87 10.81 5.67 -8.08
C VAL B 87 10.73 6.46 -6.78
N PRO B 88 10.88 5.77 -5.64
CA PRO B 88 11.06 6.49 -4.39
C PRO B 88 12.46 7.12 -4.37
N ALA B 89 12.60 8.31 -3.78
CA ALA B 89 13.92 8.94 -3.72
C ALA B 89 14.85 8.19 -2.77
N ARG B 90 14.30 7.73 -1.64
CA ARG B 90 15.06 7.02 -0.62
C ARG B 90 14.23 5.88 -0.03
N GLY B 91 14.66 5.35 1.12
CA GLY B 91 13.93 4.31 1.85
C GLY B 91 12.63 4.74 2.53
N GLY B 92 12.13 3.86 3.41
CA GLY B 92 10.87 4.10 4.12
C GLY B 92 10.96 5.19 5.18
N LEU B 93 12.20 5.43 5.65
CA LEU B 93 12.54 6.48 6.63
C LEU B 93 11.85 6.35 7.99
N GLY B 94 11.31 5.17 8.27
CA GLY B 94 10.61 4.93 9.53
C GLY B 94 9.16 5.36 9.55
N GLU B 95 8.62 5.75 8.38
CA GLU B 95 7.19 6.07 8.24
C GLU B 95 6.34 4.81 8.35
N ASP B 96 5.09 4.97 8.79
CA ASP B 96 4.10 3.91 8.67
C ASP B 96 3.81 3.69 7.20
N VAL B 97 3.33 2.50 6.84
CA VAL B 97 3.25 2.14 5.42
C VAL B 97 2.46 3.14 4.55
N LYS B 98 1.38 3.69 5.07
CA LYS B 98 0.59 4.67 4.31
C LYS B 98 1.43 5.88 3.85
N ASN B 99 2.40 6.27 4.66
CA ASN B 99 3.20 7.47 4.35
C ASN B 99 4.58 7.18 3.72
N GLN B 100 4.88 5.91 3.49
CA GLN B 100 6.16 5.55 2.90
C GLN B 100 6.30 5.94 1.44
N ALA B 101 7.52 6.31 1.05
CA ALA B 101 7.80 6.71 -0.34
C ALA B 101 7.33 5.64 -1.31
N ASN B 102 7.54 4.35 -0.99
CA ASN B 102 7.14 3.27 -1.90
C ASN B 102 5.64 3.32 -2.16
N THR B 103 4.87 3.67 -1.14
CA THR B 103 3.41 3.70 -1.23
C THR B 103 2.94 4.83 -2.14
N ILE B 104 3.45 6.04 -1.89
CA ILE B 104 3.15 7.22 -2.72
C ILE B 104 3.59 6.98 -4.17
N CYS B 105 4.76 6.38 -4.33
CA CYS B 105 5.32 6.13 -5.66
C CYS B 105 4.36 5.24 -6.46
N ALA B 106 3.93 4.12 -5.90
CA ALA B 106 3.01 3.22 -6.59
C ALA B 106 1.68 3.91 -6.92
N HIS B 107 1.16 4.68 -5.97
CA HIS B 107 -0.10 5.37 -6.16
C HIS B 107 0.01 6.37 -7.32
N MET B 108 1.11 7.12 -7.35
CA MET B 108 1.31 8.14 -8.38
C MET B 108 1.46 7.51 -9.75
N ALA B 109 2.25 6.43 -9.83
CA ALA B 109 2.47 5.76 -11.11
C ALA B 109 1.16 5.19 -11.65
N GLU B 110 0.34 4.63 -10.79
CA GLU B 110 -0.94 4.08 -11.23
C GLU B 110 -1.82 5.19 -11.82
N LYS B 111 -1.92 6.30 -11.09
CA LYS B 111 -2.75 7.44 -11.50
C LYS B 111 -2.28 8.09 -12.81
N ALA B 112 -0.95 8.09 -13.01
CA ALA B 112 -0.31 8.65 -14.22
C ALA B 112 -0.31 7.70 -15.41
N SER B 113 -0.72 6.45 -15.17
CA SER B 113 -0.58 5.35 -16.13
CA SER B 113 -0.57 5.34 -16.12
C SER B 113 0.89 5.22 -16.57
N GLY B 114 1.81 5.37 -15.61
CA GLY B 114 3.24 5.19 -15.87
C GLY B 114 3.68 3.89 -15.22
N THR B 115 4.99 3.68 -15.15
CA THR B 115 5.52 2.50 -14.50
C THR B 115 6.25 2.92 -13.23
N TYR B 116 6.60 1.95 -12.38
CA TYR B 116 7.30 2.27 -11.14
C TYR B 116 8.29 1.17 -10.78
N ARG B 117 9.26 1.51 -9.95
CA ARG B 117 10.17 0.52 -9.37
C ARG B 117 10.42 0.88 -7.91
N LEU B 118 10.19 -0.08 -7.02
CA LEU B 118 10.28 0.19 -5.60
C LEU B 118 11.61 -0.25 -4.99
N LEU B 119 11.91 0.28 -3.81
CA LEU B 119 13.21 0.09 -3.17
C LEU B 119 12.92 -0.57 -1.85
N PHE B 120 13.44 -1.79 -1.68
CA PHE B 120 13.21 -2.56 -0.45
C PHE B 120 14.52 -2.85 0.26
N VAL B 121 15.03 -1.83 0.96
CA VAL B 121 16.24 -1.95 1.76
C VAL B 121 15.92 -1.33 3.11
N PRO B 122 15.25 -2.12 3.99
CA PRO B 122 14.83 -1.63 5.30
C PRO B 122 15.97 -1.01 6.11
N GLY B 123 15.65 0.06 6.84
CA GLY B 123 16.61 0.73 7.73
C GLY B 123 17.17 -0.10 8.87
N GLN B 124 16.41 -1.10 9.32
CA GLN B 124 16.80 -1.89 10.50
C GLN B 124 17.61 -3.17 10.17
N LEU B 125 18.07 -3.27 8.94
CA LEU B 125 18.93 -4.37 8.49
C LEU B 125 20.23 -4.40 9.29
N SER B 126 20.64 -5.60 9.74
CA SER B 126 21.97 -5.74 10.33
C SER B 126 23.01 -5.44 9.27
N GLN B 127 24.23 -5.15 9.70
CA GLN B 127 25.35 -4.94 8.77
C GLN B 127 25.50 -6.11 7.79
N GLY B 128 25.40 -7.34 8.30
CA GLY B 128 25.59 -8.51 7.44
C GLY B 128 24.42 -8.67 6.47
N ALA B 129 23.22 -8.39 6.98
CA ALA B 129 22.00 -8.48 6.14
C ALA B 129 22.02 -7.44 5.01
N TYR B 130 22.47 -6.23 5.36
CA TYR B 130 22.60 -5.14 4.39
C TYR B 130 23.56 -5.51 3.26
N SER B 131 24.71 -6.10 3.62
CA SER B 131 25.70 -6.50 2.62
C SER B 131 25.13 -7.50 1.62
N SER B 132 24.31 -8.43 2.11
CA SER B 132 23.63 -9.40 1.26
C SER B 132 22.64 -8.72 0.30
N ILE B 133 21.88 -7.77 0.81
CA ILE B 133 20.78 -7.19 0.04
C ILE B 133 21.25 -6.12 -0.96
N ILE B 134 22.21 -5.31 -0.54
CA ILE B 134 22.69 -4.19 -1.36
C ILE B 134 23.27 -4.67 -2.70
N GLU B 135 23.73 -5.92 -2.74
CA GLU B 135 24.36 -6.51 -3.92
C GLU B 135 23.39 -7.17 -4.88
N GLU B 136 22.11 -7.24 -4.49
CA GLU B 136 21.11 -7.89 -5.30
C GLU B 136 20.88 -7.09 -6.58
N PRO B 137 20.84 -7.76 -7.75
CA PRO B 137 20.60 -7.04 -9.00
C PRO B 137 19.37 -6.12 -8.98
N SER B 138 18.28 -6.56 -8.36
CA SER B 138 17.05 -5.76 -8.28
C SER B 138 17.25 -4.46 -7.53
N VAL B 139 18.08 -4.51 -6.48
CA VAL B 139 18.35 -3.34 -5.64
C VAL B 139 19.29 -2.42 -6.38
N LYS B 140 20.32 -2.99 -6.99
CA LYS B 140 21.26 -2.19 -7.79
C LYS B 140 20.54 -1.49 -8.92
N GLU B 141 19.57 -2.16 -9.52
CA GLU B 141 18.81 -1.60 -10.64
C GLU B 141 18.05 -0.35 -10.21
N VAL B 142 17.30 -0.46 -9.12
CA VAL B 142 16.52 0.70 -8.63
C VAL B 142 17.43 1.85 -8.18
N LEU B 143 18.48 1.52 -7.43
CA LEU B 143 19.44 2.55 -7.06
C LEU B 143 20.00 3.27 -8.30
N ASN B 144 20.40 2.49 -9.31
CA ASN B 144 20.83 3.12 -10.56
C ASN B 144 19.78 4.06 -11.21
N THR B 145 18.52 3.63 -11.20
CA THR B 145 17.43 4.44 -11.74
C THR B 145 17.29 5.75 -10.99
N ILE B 146 17.33 5.67 -9.66
CA ILE B 146 17.25 6.85 -8.82
C ILE B 146 18.36 7.86 -9.15
N LYS B 147 19.53 7.32 -9.46
CA LYS B 147 20.73 8.11 -9.73
C LYS B 147 20.55 8.98 -10.98
N SER B 148 19.68 8.54 -11.89
CA SER B 148 19.37 9.32 -13.08
C SER B 148 18.04 10.05 -13.05
N ALA B 149 17.52 10.31 -11.85
CA ALA B 149 16.24 10.99 -11.73
C ALA B 149 16.27 12.30 -12.53
N SER B 150 15.23 12.55 -13.30
CA SER B 150 15.08 13.79 -14.04
C SER B 150 14.23 14.79 -13.28
N MET B 151 13.49 14.30 -12.29
CA MET B 151 12.58 15.13 -11.50
C MET B 151 12.55 14.60 -10.07
N LEU B 152 12.41 15.51 -9.11
CA LEU B 152 12.18 15.13 -7.71
C LEU B 152 10.97 15.87 -7.20
N VAL B 153 10.03 15.15 -6.58
CA VAL B 153 8.85 15.80 -5.98
C VAL B 153 8.87 15.42 -4.51
N HIS B 154 8.99 16.42 -3.64
CA HIS B 154 9.23 16.10 -2.23
C HIS B 154 8.43 17.02 -1.31
N GLY B 155 8.14 16.52 -0.11
CA GLY B 155 7.48 17.34 0.93
C GLY B 155 8.50 18.06 1.78
N ILE B 156 8.02 18.89 2.70
CA ILE B 156 8.89 19.52 3.69
C ILE B 156 8.06 19.48 4.97
N GLY B 157 8.68 19.05 6.08
CA GLY B 157 7.96 18.95 7.35
C GLY B 157 8.65 19.68 8.49
N GLU B 158 7.90 19.96 9.57
CA GLU B 158 8.54 20.46 10.79
C GLU B 158 9.37 19.33 11.37
N ALA B 159 10.55 19.65 11.88
CA ALA B 159 11.44 18.60 12.38
C ALA B 159 10.74 17.78 13.47
N LYS B 160 10.10 18.45 14.42
CA LYS B 160 9.53 17.72 15.56
C LYS B 160 8.39 16.80 15.11
N THR B 161 7.55 17.30 14.22
CA THR B 161 6.39 16.55 13.72
C THR B 161 6.85 15.28 13.01
N MET B 162 7.90 15.42 12.20
CA MET B 162 8.41 14.29 11.44
C MET B 162 9.09 13.28 12.37
N ALA B 163 9.88 13.77 13.32
CA ALA B 163 10.60 12.89 14.23
C ALA B 163 9.60 12.08 15.03
N GLN B 164 8.49 12.71 15.44
CA GLN B 164 7.45 12.06 16.25
C GLN B 164 6.70 11.03 15.39
N ARG B 165 6.35 11.40 14.16
CA ARG B 165 5.58 10.52 13.28
C ARG B 165 6.34 9.26 12.86
N ARG B 166 7.65 9.37 12.62
CA ARG B 166 8.47 8.22 12.29
C ARG B 166 8.82 7.53 13.60
N ASN B 167 9.39 6.33 13.57
CA ASN B 167 9.59 5.70 14.89
C ASN B 167 10.96 5.99 15.51
N THR B 168 11.37 7.26 15.46
CA THR B 168 12.75 7.69 15.68
C THR B 168 13.37 7.19 17.00
N PRO B 169 14.50 6.45 16.91
CA PRO B 169 15.28 6.04 18.08
C PRO B 169 15.62 7.21 19.00
N LEU B 170 15.58 6.96 20.30
CA LEU B 170 15.84 7.97 21.33
C LEU B 170 17.10 8.80 21.08
N GLU B 171 18.19 8.13 20.72
CA GLU B 171 19.47 8.78 20.50
C GLU B 171 19.37 9.82 19.38
N ASP B 172 18.55 9.51 18.38
CA ASP B 172 18.40 10.41 17.25
C ASP B 172 17.49 11.57 17.61
N LEU B 173 16.46 11.31 18.40
CA LEU B 173 15.63 12.38 18.95
C LEU B 173 16.49 13.38 19.70
N LYS B 174 17.41 12.88 20.52
CA LYS B 174 18.30 13.75 21.28
C LYS B 174 19.14 14.63 20.37
N LYS B 175 19.65 14.02 19.31
CA LYS B 175 20.52 14.70 18.34
C LYS B 175 19.77 15.81 17.59
N ILE B 176 18.54 15.51 17.18
CA ILE B 176 17.67 16.44 16.47
C ILE B 176 17.40 17.63 17.38
N ASP B 177 17.15 17.34 18.65
CA ASP B 177 16.84 18.38 19.62
C ASP B 177 18.07 19.21 20.00
N ASP B 178 19.16 18.52 20.34
CA ASP B 178 20.41 19.19 20.76
C ASP B 178 20.95 20.16 19.69
N ASN B 179 20.71 19.84 18.43
CA ASN B 179 21.18 20.65 17.30
C ASN B 179 20.12 21.59 16.72
N ASP B 180 19.01 21.73 17.43
CA ASP B 180 17.94 22.67 17.08
C ASP B 180 17.49 22.52 15.63
N ALA B 181 17.17 21.30 15.21
CA ALA B 181 16.56 21.10 13.88
C ALA B 181 15.17 21.74 13.89
N VAL B 182 14.79 22.35 12.77
CA VAL B 182 13.47 22.99 12.67
C VAL B 182 12.68 22.54 11.44
N THR B 183 13.37 21.88 10.50
CA THR B 183 12.74 21.50 9.23
C THR B 183 13.30 20.16 8.78
N GLU B 184 12.60 19.50 7.87
CA GLU B 184 12.96 18.17 7.41
C GLU B 184 12.50 18.04 5.96
N ALA B 185 13.31 17.35 5.16
CA ALA B 185 12.98 17.00 3.78
C ALA B 185 13.77 15.75 3.41
N PHE B 186 13.09 14.78 2.78
CA PHE B 186 13.69 13.51 2.33
C PHE B 186 14.70 12.87 3.29
N GLY B 187 14.37 12.85 4.57
CA GLY B 187 15.20 12.15 5.55
C GLY B 187 16.43 12.91 6.02
N TYR B 188 16.42 14.23 5.78
CA TYR B 188 17.41 15.13 6.35
C TYR B 188 16.71 16.13 7.22
N TYR B 189 17.24 16.35 8.42
CA TYR B 189 16.79 17.40 9.35
C TYR B 189 17.78 18.56 9.31
N PHE B 190 17.25 19.76 9.21
CA PHE B 190 18.05 20.98 9.05
C PHE B 190 17.71 21.99 10.13
N ASN B 191 18.69 22.82 10.46
CA ASN B 191 18.47 23.91 11.41
C ASN B 191 17.90 25.15 10.72
N ALA B 192 17.83 26.27 11.45
CA ALA B 192 17.15 27.46 10.93
C ALA B 192 17.93 28.15 9.81
N ASP B 193 19.19 27.78 9.65
CA ASP B 193 20.03 28.34 8.57
C ASP B 193 20.09 27.37 7.38
N GLY B 194 19.25 26.34 7.39
CA GLY B 194 19.23 25.36 6.31
C GLY B 194 20.39 24.36 6.29
N GLU B 195 21.18 24.31 7.37
CA GLU B 195 22.30 23.35 7.48
CA GLU B 195 22.31 23.37 7.50
C GLU B 195 21.82 22.00 8.00
N VAL B 196 22.37 20.92 7.43
CA VAL B 196 22.01 19.58 7.85
C VAL B 196 22.53 19.40 9.28
N VAL B 197 21.67 18.90 10.16
CA VAL B 197 22.12 18.58 11.52
C VAL B 197 21.87 17.12 11.90
N HIS B 198 21.00 16.43 11.15
CA HIS B 198 20.83 14.99 11.31
C HIS B 198 20.36 14.38 10.00
N LYS B 199 20.95 13.25 9.64
CA LYS B 199 20.59 12.54 8.42
C LYS B 199 20.09 11.15 8.79
N VAL B 200 18.88 10.81 8.35
CA VAL B 200 18.40 9.43 8.48
C VAL B 200 19.20 8.61 7.47
N HIS B 201 19.89 7.57 7.93
CA HIS B 201 20.66 6.73 7.02
C HIS B 201 19.70 5.92 6.14
N SER B 202 19.86 6.04 4.83
CA SER B 202 18.97 5.33 3.90
C SER B 202 19.62 5.37 2.53
N VAL B 203 19.53 4.26 1.80
CA VAL B 203 20.13 4.18 0.48
C VAL B 203 19.30 5.02 -0.50
N GLY B 204 19.86 5.26 -1.67
CA GLY B 204 19.17 6.04 -2.69
C GLY B 204 19.72 7.46 -2.74
N MET B 205 18.82 8.39 -3.03
CA MET B 205 19.20 9.78 -3.21
C MET B 205 19.80 10.34 -1.92
N GLN B 206 20.95 10.97 -2.06
CA GLN B 206 21.53 11.76 -0.97
C GLN B 206 21.43 13.26 -1.29
N LEU B 207 21.60 14.12 -0.30
CA LEU B 207 21.40 15.56 -0.47
C LEU B 207 22.23 16.12 -1.62
N ASP B 208 23.44 15.60 -1.76
CA ASP B 208 24.37 16.10 -2.79
C ASP B 208 23.88 15.75 -4.21
N ASP B 209 23.10 14.69 -4.30
CA ASP B 209 22.48 14.32 -5.58
C ASP B 209 21.41 15.28 -6.12
N ILE B 210 20.81 16.13 -5.27
CA ILE B 210 19.72 16.94 -5.82
C ILE B 210 20.24 17.96 -6.82
N ASP B 211 21.50 18.38 -6.66
CA ASP B 211 22.08 19.38 -7.55
C ASP B 211 22.00 18.94 -9.02
N ALA B 212 21.97 17.62 -9.25
CA ALA B 212 22.00 17.05 -10.60
C ALA B 212 20.61 16.80 -11.18
N ILE B 213 19.56 17.11 -10.41
CA ILE B 213 18.18 16.89 -10.85
C ILE B 213 17.65 18.22 -11.35
N PRO B 214 17.36 18.31 -12.66
CA PRO B 214 16.98 19.62 -13.24
C PRO B 214 15.64 20.19 -12.78
N ASP B 215 14.68 19.34 -12.41
CA ASP B 215 13.38 19.85 -12.00
C ASP B 215 13.03 19.32 -10.63
N ILE B 216 13.04 20.21 -9.63
CA ILE B 216 12.71 19.80 -8.25
C ILE B 216 11.49 20.62 -7.85
N ILE B 217 10.46 19.91 -7.35
CA ILE B 217 9.19 20.54 -6.96
C ILE B 217 8.96 20.13 -5.49
N ALA B 218 8.98 21.10 -4.59
CA ALA B 218 8.65 20.86 -3.17
C ALA B 218 7.19 21.22 -3.01
N VAL B 219 6.45 20.37 -2.29
CA VAL B 219 5.02 20.63 -2.05
C VAL B 219 4.83 20.59 -0.53
N ALA B 220 4.44 21.72 0.04
CA ALA B 220 4.31 21.83 1.51
C ALA B 220 3.56 23.09 1.87
N GLY B 221 2.63 22.98 2.81
CA GLY B 221 1.78 24.13 3.17
C GLY B 221 1.23 24.03 4.57
N GLY B 222 0.38 24.99 4.92
CA GLY B 222 -0.20 25.08 6.25
C GLY B 222 0.58 26.07 7.08
N SER B 223 -0.13 26.89 7.85
CA SER B 223 0.56 27.88 8.67
C SER B 223 1.61 27.28 9.60
N SER B 224 1.36 26.05 10.06
CA SER B 224 2.29 25.36 10.97
C SER B 224 3.66 25.07 10.34
N LYS B 225 3.72 25.07 9.00
CA LYS B 225 4.98 24.82 8.29
C LYS B 225 5.74 26.07 7.86
N ALA B 226 5.25 27.24 8.24
CA ALA B 226 5.88 28.49 7.78
C ALA B 226 7.38 28.59 8.09
N GLU B 227 7.77 28.31 9.34
CA GLU B 227 9.18 28.40 9.75
CA GLU B 227 9.18 28.42 9.73
C GLU B 227 10.02 27.29 9.11
N ALA B 228 9.44 26.10 9.00
CA ALA B 228 10.08 24.93 8.34
C ALA B 228 10.44 25.22 6.88
N ILE B 229 9.47 25.78 6.15
CA ILE B 229 9.66 26.13 4.74
C ILE B 229 10.76 27.21 4.63
N GLU B 230 10.63 28.28 5.42
CA GLU B 230 11.68 29.30 5.44
C GLU B 230 13.09 28.74 5.68
N ALA B 231 13.25 27.90 6.71
CA ALA B 231 14.56 27.32 7.04
C ALA B 231 15.12 26.47 5.90
N TYR B 232 14.27 25.63 5.31
CA TYR B 232 14.74 24.73 4.25
C TYR B 232 15.31 25.57 3.10
N PHE B 233 14.62 26.66 2.75
CA PHE B 233 15.04 27.51 1.64
C PHE B 233 16.12 28.55 1.98
N LYS B 234 16.72 28.42 3.17
CA LYS B 234 17.85 29.32 3.54
C LYS B 234 19.10 29.09 2.71
N LYS B 235 19.20 27.91 2.11
CA LYS B 235 20.28 27.57 1.14
C LYS B 235 19.69 27.50 -0.26
N PRO B 236 20.54 27.68 -1.28
CA PRO B 236 20.05 27.51 -2.66
C PRO B 236 19.65 26.07 -2.92
N ARG B 237 18.44 25.86 -3.43
CA ARG B 237 17.91 24.52 -3.68
C ARG B 237 17.47 24.32 -5.14
N ASN B 238 17.52 25.38 -5.95
CA ASN B 238 17.12 25.32 -7.35
CA ASN B 238 17.06 25.36 -7.36
C ASN B 238 15.73 24.65 -7.51
N THR B 239 14.77 25.09 -6.69
CA THR B 239 13.50 24.36 -6.51
C THR B 239 12.27 25.24 -6.73
N VAL B 240 11.21 24.63 -7.29
CA VAL B 240 9.88 25.23 -7.36
C VAL B 240 9.14 24.87 -6.07
N LEU B 241 8.52 25.86 -5.42
CA LEU B 241 7.67 25.56 -4.26
C LEU B 241 6.18 25.71 -4.59
N VAL B 242 5.41 24.66 -4.28
CA VAL B 242 3.95 24.71 -4.30
C VAL B 242 3.52 24.74 -2.83
N THR B 243 2.75 25.76 -2.48
CA THR B 243 2.37 25.96 -1.09
C THR B 243 0.95 26.55 -1.04
N ASP B 244 0.53 27.04 0.13
CA ASP B 244 -0.77 27.69 0.26
C ASP B 244 -0.63 29.03 0.97
N GLU B 245 -1.74 29.76 1.08
CA GLU B 245 -1.72 31.08 1.72
C GLU B 245 -1.39 30.96 3.18
N GLY B 246 -1.85 29.88 3.82
CA GLY B 246 -1.54 29.59 5.23
C GLY B 246 -0.06 29.74 5.53
N ALA B 247 0.77 28.99 4.80
CA ALA B 247 2.21 29.05 4.99
C ALA B 247 2.82 30.35 4.46
N ALA B 248 2.45 30.73 3.24
CA ALA B 248 3.06 31.89 2.56
C ALA B 248 2.83 33.18 3.33
N LYS B 249 1.59 33.41 3.77
CA LYS B 249 1.29 34.66 4.48
C LYS B 249 1.99 34.71 5.83
N LYS B 250 2.00 33.57 6.53
CA LYS B 250 2.65 33.55 7.83
C LYS B 250 4.15 33.81 7.69
N LEU B 251 4.75 33.21 6.66
CA LEU B 251 6.17 33.39 6.37
C LEU B 251 6.50 34.85 6.08
N LEU B 252 5.65 35.48 5.25
CA LEU B 252 5.94 36.83 4.77
C LEU B 252 5.61 37.91 5.80
N ARG B 253 4.85 37.55 6.83
CA ARG B 253 4.47 38.49 7.88
C ARG B 253 5.70 39.13 8.55
P 13P C . -10.85 -15.51 -6.95
O1P 13P C . -11.46 -16.73 -7.62
O2P 13P C . -11.59 -14.97 -5.74
O3P 13P C . -10.45 -14.44 -7.96
O1 13P C . -9.45 -16.04 -6.34
C1 13P C . -9.48 -17.11 -5.36
C2 13P C . -8.28 -17.10 -4.44
O2 13P C . -7.51 -16.15 -4.42
C3 13P C . -8.06 -18.29 -3.53
O3 13P C . -6.74 -18.23 -2.95
P 13P D . 3.45 15.64 5.26
O1P 13P D . 3.52 16.86 6.14
O2P 13P D . 3.29 16.01 3.80
O3P 13P D . 2.51 14.54 5.72
O1 13P D . 4.90 14.94 5.38
C1 13P D . 6.07 15.72 5.09
C2 13P D . 7.20 14.85 4.60
O2 13P D . 6.98 13.69 4.26
C3 13P D . 8.60 15.42 4.57
O3 13P D . 9.58 14.38 4.37
#